data_6A52
#
_entry.id   6A52
#
_cell.length_a   43.610
_cell.length_b   49.940
_cell.length_c   59.330
_cell.angle_alpha   90.00
_cell.angle_beta   96.79
_cell.angle_gamma   90.00
#
_symmetry.space_group_name_H-M   'P 1 21 1'
#
loop_
_entity.id
_entity.type
_entity.pdbx_description
1 polymer 'dioxidase ChaP-H1'
2 non-polymer 'FE (II) ION'
3 water water
#
_entity_poly.entity_id   1
_entity_poly.type   'polypeptide(L)'
_entity_poly.pdbx_seq_one_letter_code
;GSHMAVELNHTIVHATDRDASARFLADILGLAAPKPFGPFMVVQVDNDVSLDFMGGSGPVRPQHYAFLVGDSEFDEIFGR
IRERGLDHWADPGHRRPGEINTNDGGRGVYWSDPDGHSLEILTRPYGG
;
_entity_poly.pdbx_strand_id   A,B
#
loop_
_chem_comp.id
_chem_comp.type
_chem_comp.name
_chem_comp.formula
FE2 non-polymer 'FE (II) ION' 'Fe 2'
#
# COMPACT_ATOMS: atom_id res chain seq x y z
N ALA A 5 15.38 -5.76 -7.26
CA ALA A 5 14.93 -6.82 -6.36
C ALA A 5 14.30 -6.22 -5.12
N VAL A 6 13.41 -5.23 -5.33
CA VAL A 6 12.68 -4.59 -4.25
C VAL A 6 11.21 -4.54 -4.64
N GLU A 7 10.36 -5.17 -3.81
CA GLU A 7 8.92 -5.21 -4.06
C GLU A 7 8.18 -4.73 -2.83
N LEU A 8 7.04 -4.07 -3.04
CA LEU A 8 6.13 -3.86 -1.92
C LEU A 8 5.40 -5.17 -1.68
N ASN A 9 5.54 -5.70 -0.46
CA ASN A 9 4.99 -7.02 -0.12
C ASN A 9 3.64 -6.92 0.59
N HIS A 10 3.49 -5.99 1.52
CA HIS A 10 2.18 -5.82 2.14
C HIS A 10 2.13 -4.47 2.84
N THR A 11 0.91 -4.09 3.21
CA THR A 11 0.65 -2.89 3.99
C THR A 11 -0.57 -3.19 4.85
N ILE A 12 -0.71 -2.47 5.94
CA ILE A 12 -1.80 -2.67 6.88
C ILE A 12 -2.94 -1.69 6.57
N VAL A 13 -4.17 -2.20 6.53
CA VAL A 13 -5.37 -1.37 6.34
C VAL A 13 -6.15 -1.36 7.65
N HIS A 14 -6.18 -0.21 8.33
CA HIS A 14 -6.91 -0.11 9.59
C HIS A 14 -8.40 -0.02 9.33
N ALA A 15 -9.18 -0.71 10.17
CA ALA A 15 -10.63 -0.81 9.97
C ALA A 15 -11.35 -0.81 11.31
N THR A 16 -12.63 -0.41 11.27
CA THR A 16 -13.50 -0.59 12.43
C THR A 16 -13.85 -2.05 12.61
N ASP A 17 -14.37 -2.67 11.56
CA ASP A 17 -14.67 -4.10 11.55
C ASP A 17 -13.66 -4.75 10.62
N ARG A 18 -12.63 -5.37 11.19
CA ARG A 18 -11.55 -5.93 10.39
C ARG A 18 -12.06 -6.98 9.41
N ASP A 19 -12.91 -7.91 9.88
CA ASP A 19 -13.36 -8.99 9.01
C ASP A 19 -14.29 -8.49 7.91
N ALA A 20 -15.17 -7.54 8.24
CA ALA A 20 -16.12 -7.03 7.24
C ALA A 20 -15.42 -6.24 6.14
N SER A 21 -14.44 -5.39 6.50
CA SER A 21 -13.74 -4.60 5.50
C SER A 21 -12.92 -5.49 4.56
N ALA A 22 -12.26 -6.51 5.10
CA ALA A 22 -11.52 -7.44 4.26
C ALA A 22 -12.46 -8.17 3.30
N ARG A 23 -13.59 -8.68 3.82
CA ARG A 23 -14.55 -9.34 2.95
C ARG A 23 -15.12 -8.37 1.93
N PHE A 24 -15.29 -7.11 2.32
CA PHE A 24 -15.82 -6.09 1.41
C PHE A 24 -14.93 -5.92 0.20
N LEU A 25 -13.62 -5.71 0.43
CA LEU A 25 -12.69 -5.46 -0.68
C LEU A 25 -12.55 -6.68 -1.56
N ALA A 26 -12.36 -7.86 -0.97
CA ALA A 26 -12.20 -9.07 -1.74
C ALA A 26 -13.44 -9.37 -2.60
N ASP A 27 -14.62 -9.17 -2.02
CA ASP A 27 -15.87 -9.38 -2.76
C ASP A 27 -15.99 -8.43 -3.95
N ILE A 28 -15.84 -7.13 -3.70
CA ILE A 28 -16.01 -6.15 -4.78
C ILE A 28 -14.98 -6.40 -5.88
N LEU A 29 -13.71 -6.59 -5.49
CA LEU A 29 -12.66 -6.80 -6.50
C LEU A 29 -12.73 -8.18 -7.16
N GLY A 30 -13.51 -9.10 -6.64
CA GLY A 30 -13.57 -10.44 -7.21
C GLY A 30 -12.40 -11.33 -6.83
N LEU A 31 -11.81 -11.10 -5.67
CA LEU A 31 -10.66 -11.86 -5.22
C LEU A 31 -11.11 -13.03 -4.34
N ALA A 32 -10.16 -13.89 -3.99
CA ALA A 32 -10.47 -14.98 -3.09
C ALA A 32 -10.81 -14.42 -1.71
N ALA A 33 -11.55 -15.21 -0.94
CA ALA A 33 -11.92 -14.80 0.40
C ALA A 33 -10.65 -14.58 1.24
N PRO A 34 -10.67 -13.60 2.15
CA PRO A 34 -9.45 -13.27 2.90
C PRO A 34 -9.07 -14.39 3.85
N LYS A 35 -7.81 -14.37 4.30
CA LYS A 35 -7.28 -15.40 5.19
C LYS A 35 -6.76 -14.82 6.50
N PRO A 36 -7.01 -15.47 7.64
CA PRO A 36 -6.44 -14.97 8.89
C PRO A 36 -4.95 -15.23 8.97
N PHE A 37 -4.23 -14.20 9.41
CA PHE A 37 -2.78 -14.30 9.63
C PHE A 37 -2.41 -13.36 10.75
N GLY A 38 -1.89 -13.91 11.85
CA GLY A 38 -1.64 -13.14 13.04
C GLY A 38 -2.89 -12.37 13.43
N PRO A 39 -2.74 -11.09 13.74
CA PRO A 39 -3.91 -10.26 14.04
C PRO A 39 -4.65 -9.76 12.80
N PHE A 40 -4.29 -10.22 11.61
CA PHE A 40 -4.78 -9.63 10.37
C PHE A 40 -5.77 -10.53 9.63
N MET A 41 -6.53 -9.90 8.74
CA MET A 41 -7.32 -10.60 7.74
C MET A 41 -6.79 -10.11 6.40
N VAL A 42 -6.16 -11.01 5.64
CA VAL A 42 -5.29 -10.63 4.53
C VAL A 42 -6.03 -10.78 3.21
N VAL A 43 -5.98 -9.74 2.38
CA VAL A 43 -6.51 -9.75 1.02
C VAL A 43 -5.33 -9.72 0.07
N GLN A 44 -5.24 -10.69 -0.84
CA GLN A 44 -4.12 -10.84 -1.76
C GLN A 44 -4.49 -10.42 -3.17
N VAL A 45 -3.63 -9.61 -3.80
CA VAL A 45 -3.79 -9.27 -5.21
C VAL A 45 -2.63 -9.88 -6.00
N ASP A 46 -2.65 -9.72 -7.32
CA ASP A 46 -1.84 -10.58 -8.19
C ASP A 46 -0.37 -10.20 -8.28
N ASN A 47 0.01 -8.96 -8.00
CA ASN A 47 1.42 -8.60 -8.13
C ASN A 47 2.16 -8.76 -6.82
N ASP A 48 1.84 -9.84 -6.10
CA ASP A 48 2.60 -10.26 -4.94
C ASP A 48 2.57 -9.19 -3.83
N VAL A 49 1.43 -8.54 -3.66
CA VAL A 49 1.23 -7.66 -2.52
C VAL A 49 -0.08 -8.05 -1.85
N SER A 50 -0.10 -7.96 -0.52
CA SER A 50 -1.32 -8.23 0.23
C SER A 50 -1.68 -7.02 1.07
N LEU A 51 -2.96 -6.89 1.35
CA LEU A 51 -3.49 -5.84 2.23
C LEU A 51 -3.93 -6.52 3.52
N ASP A 52 -3.26 -6.20 4.61
CA ASP A 52 -3.50 -6.82 5.90
C ASP A 52 -4.47 -5.95 6.71
N PHE A 53 -5.73 -6.38 6.80
CA PHE A 53 -6.72 -5.63 7.55
C PHE A 53 -6.57 -5.92 9.04
N MET A 54 -6.53 -4.87 9.84
CA MET A 54 -6.35 -4.98 11.28
C MET A 54 -7.45 -4.21 11.98
N GLY A 55 -7.95 -4.75 13.09
CA GLY A 55 -9.02 -4.10 13.78
C GLY A 55 -8.57 -2.85 14.50
N GLY A 56 -9.53 -1.95 14.71
CA GLY A 56 -9.24 -0.59 15.10
C GLY A 56 -9.31 -0.32 16.59
N SER A 57 -8.21 0.21 17.12
CA SER A 57 -8.18 0.76 18.46
C SER A 57 -8.59 2.22 18.51
N GLY A 58 -8.46 2.95 17.40
CA GLY A 58 -8.68 4.38 17.37
C GLY A 58 -9.40 4.86 16.12
N PRO A 59 -9.43 6.18 15.92
CA PRO A 59 -10.02 6.76 14.70
C PRO A 59 -9.31 6.28 13.44
N VAL A 60 -10.08 5.69 12.52
CA VAL A 60 -9.54 5.24 11.24
C VAL A 60 -9.38 6.45 10.33
N ARG A 61 -8.13 6.72 9.90
CA ARG A 61 -7.84 7.79 8.93
C ARG A 61 -7.86 7.24 7.52
N PRO A 62 -8.72 7.76 6.62
CA PRO A 62 -8.87 7.12 5.31
C PRO A 62 -7.58 7.17 4.51
N GLN A 63 -7.25 6.06 3.88
CA GLN A 63 -6.13 5.96 2.97
C GLN A 63 -6.65 5.73 1.55
N HIS A 64 -5.73 5.59 0.60
CA HIS A 64 -6.06 5.45 -0.80
C HIS A 64 -5.40 4.19 -1.35
N TYR A 65 -6.18 3.33 -1.97
CA TYR A 65 -5.70 2.09 -2.56
C TYR A 65 -6.31 1.97 -3.95
N ALA A 66 -5.47 2.00 -4.98
CA ALA A 66 -5.92 1.94 -6.36
C ALA A 66 -5.39 0.70 -7.04
N PHE A 67 -6.24 0.08 -7.86
CA PHE A 67 -5.99 -1.22 -8.44
C PHE A 67 -6.09 -1.15 -9.96
N LEU A 68 -5.08 -1.72 -10.62
CA LEU A 68 -5.08 -1.94 -12.05
C LEU A 68 -5.79 -3.25 -12.34
N VAL A 69 -6.88 -3.20 -13.12
CA VAL A 69 -7.68 -4.37 -13.42
C VAL A 69 -7.84 -4.54 -14.93
N GLY A 70 -8.14 -5.77 -15.33
CA GLY A 70 -8.45 -6.02 -16.72
C GLY A 70 -9.73 -5.32 -17.14
N ASP A 71 -9.91 -5.24 -18.47
CA ASP A 71 -11.09 -4.56 -19.00
C ASP A 71 -12.36 -5.29 -18.60
N SER A 72 -12.35 -6.62 -18.68
CA SER A 72 -13.53 -7.37 -18.28
C SER A 72 -13.77 -7.26 -16.77
N GLU A 73 -12.69 -7.32 -15.99
CA GLU A 73 -12.83 -7.18 -14.54
C GLU A 73 -13.39 -5.82 -14.17
N PHE A 74 -13.01 -4.77 -14.92
CA PHE A 74 -13.57 -3.44 -14.68
C PHE A 74 -15.10 -3.48 -14.74
N ASP A 75 -15.66 -4.08 -15.79
CA ASP A 75 -17.12 -4.16 -15.92
C ASP A 75 -17.73 -4.93 -14.76
N GLU A 76 -17.11 -6.04 -14.35
CA GLU A 76 -17.66 -6.85 -13.27
C GLU A 76 -17.63 -6.10 -11.95
N ILE A 77 -16.51 -5.44 -11.64
CA ILE A 77 -16.39 -4.69 -10.39
C ILE A 77 -17.36 -3.51 -10.38
N PHE A 78 -17.44 -2.78 -11.49
CA PHE A 78 -18.41 -1.70 -11.60
C PHE A 78 -19.83 -2.20 -11.36
N GLY A 79 -20.16 -3.37 -11.92
CA GLY A 79 -21.48 -3.95 -11.70
C GLY A 79 -21.75 -4.27 -10.24
N ARG A 80 -20.72 -4.71 -9.52
CA ARG A 80 -20.92 -5.01 -8.11
C ARG A 80 -21.05 -3.73 -7.28
N ILE A 81 -20.36 -2.66 -7.69
CA ILE A 81 -20.52 -1.36 -7.02
C ILE A 81 -21.97 -0.88 -7.11
N ARG A 82 -22.55 -0.90 -8.31
CA ARG A 82 -23.96 -0.54 -8.45
C ARG A 82 -24.86 -1.53 -7.73
N GLU A 83 -24.49 -2.80 -7.72
CA GLU A 83 -25.31 -3.86 -7.15
C GLU A 83 -25.43 -3.69 -5.64
N ARG A 84 -24.36 -3.23 -4.99
CA ARG A 84 -24.39 -2.92 -3.57
C ARG A 84 -24.90 -1.51 -3.27
N GLY A 85 -25.16 -0.70 -4.30
CA GLY A 85 -25.61 0.66 -4.06
C GLY A 85 -24.54 1.64 -3.59
N LEU A 86 -23.28 1.44 -3.96
CA LEU A 86 -22.20 2.29 -3.46
C LEU A 86 -22.10 3.56 -4.30
N ASP A 87 -22.06 4.72 -3.63
CA ASP A 87 -21.72 5.96 -4.33
C ASP A 87 -20.38 5.82 -5.03
N HIS A 88 -20.24 6.49 -6.16
CA HIS A 88 -18.99 6.43 -6.90
C HIS A 88 -18.82 7.70 -7.70
N TRP A 89 -17.58 7.96 -8.12
CA TRP A 89 -17.19 9.22 -8.69
C TRP A 89 -16.10 9.01 -9.74
N ALA A 90 -15.98 9.97 -10.65
CA ALA A 90 -14.97 9.87 -11.68
C ALA A 90 -13.60 10.36 -11.22
N ASP A 91 -13.54 11.09 -10.11
CA ASP A 91 -12.41 11.91 -9.72
C ASP A 91 -12.07 11.69 -8.24
N PRO A 92 -10.80 11.85 -7.86
CA PRO A 92 -10.45 11.71 -6.43
C PRO A 92 -11.12 12.76 -5.56
N GLY A 93 -11.48 13.91 -6.10
CA GLY A 93 -12.17 14.88 -5.29
C GLY A 93 -13.64 14.64 -5.07
N HIS A 94 -14.23 13.61 -5.69
CA HIS A 94 -15.65 13.29 -5.52
C HIS A 94 -16.54 14.45 -5.92
N ARG A 95 -16.15 15.18 -6.96
CA ARG A 95 -16.96 16.26 -7.51
C ARG A 95 -17.89 15.79 -8.63
N ARG A 96 -17.63 14.60 -9.20
CA ARG A 96 -18.38 14.07 -10.34
C ARG A 96 -18.99 12.72 -9.97
N PRO A 97 -20.07 12.71 -9.22
CA PRO A 97 -20.68 11.43 -8.82
C PRO A 97 -21.37 10.75 -10.00
N GLY A 98 -21.42 9.42 -9.95
CA GLY A 98 -22.14 8.72 -11.00
C GLY A 98 -21.52 8.90 -12.37
N GLU A 99 -20.20 8.96 -12.44
CA GLU A 99 -19.45 8.95 -13.71
C GLU A 99 -18.16 8.18 -13.53
N ILE A 100 -17.59 7.74 -14.66
CA ILE A 100 -16.24 7.19 -14.70
C ILE A 100 -15.35 8.22 -15.40
N ASN A 101 -14.06 8.15 -15.12
CA ASN A 101 -13.14 8.96 -15.92
C ASN A 101 -12.62 8.11 -17.07
N THR A 102 -12.03 8.77 -18.07
CA THR A 102 -11.37 8.03 -19.14
C THR A 102 -9.92 8.47 -19.31
N ASN A 103 -9.28 8.83 -18.20
CA ASN A 103 -7.88 9.25 -18.19
C ASN A 103 -6.93 8.20 -18.76
N ASP A 104 -5.87 8.71 -19.38
CA ASP A 104 -4.69 7.93 -19.76
C ASP A 104 -5.03 6.85 -20.78
N GLY A 105 -6.06 7.09 -21.58
CA GLY A 105 -6.52 6.12 -22.56
C GLY A 105 -7.24 4.92 -21.99
N GLY A 106 -7.50 4.90 -20.68
CA GLY A 106 -8.22 3.81 -20.06
C GLY A 106 -9.55 4.22 -19.46
N ARG A 107 -9.99 3.49 -18.42
CA ARG A 107 -11.20 3.83 -17.70
C ARG A 107 -10.88 3.71 -16.21
N GLY A 108 -11.54 4.53 -15.40
CA GLY A 108 -11.32 4.47 -13.96
C GLY A 108 -12.50 4.98 -13.18
N VAL A 109 -12.67 4.46 -11.96
CA VAL A 109 -13.73 4.93 -11.08
C VAL A 109 -13.27 4.82 -9.63
N TYR A 110 -13.80 5.73 -8.79
CA TYR A 110 -13.51 5.81 -7.38
C TYR A 110 -14.74 5.46 -6.55
N TRP A 111 -14.51 4.88 -5.37
CA TRP A 111 -15.58 4.68 -4.39
C TRP A 111 -14.93 4.57 -3.01
N SER A 112 -15.73 4.31 -1.99
CA SER A 112 -15.28 4.33 -0.60
C SER A 112 -15.58 2.98 0.07
N ASP A 113 -14.71 2.59 1.00
CA ASP A 113 -14.90 1.33 1.74
C ASP A 113 -15.73 1.63 2.98
N PRO A 114 -16.10 0.62 3.81
CA PRO A 114 -17.01 0.91 4.95
C PRO A 114 -16.50 2.01 5.89
N ASP A 115 -15.18 2.21 5.98
CA ASP A 115 -14.62 3.24 6.83
C ASP A 115 -14.28 4.52 6.08
N GLY A 116 -14.56 4.57 4.78
CA GLY A 116 -14.25 5.75 4.01
C GLY A 116 -12.89 5.74 3.35
N HIS A 117 -12.18 4.61 3.35
CA HIS A 117 -10.96 4.52 2.56
C HIS A 117 -11.29 4.76 1.08
N SER A 118 -10.45 5.54 0.40
CA SER A 118 -10.68 5.86 -1.01
C SER A 118 -10.19 4.72 -1.88
N LEU A 119 -11.13 4.00 -2.50
CA LEU A 119 -10.84 2.91 -3.40
C LEU A 119 -11.02 3.36 -4.85
N GLU A 120 -10.20 2.80 -5.73
CA GLU A 120 -10.18 3.19 -7.13
C GLU A 120 -9.72 2.02 -7.96
N ILE A 121 -10.34 1.82 -9.13
CA ILE A 121 -9.86 0.84 -10.11
C ILE A 121 -9.58 1.55 -11.42
N LEU A 122 -8.62 1.02 -12.17
CA LEU A 122 -8.22 1.59 -13.45
C LEU A 122 -7.81 0.48 -14.40
N THR A 123 -7.94 0.74 -15.70
CA THR A 123 -7.63 -0.25 -16.72
C THR A 123 -6.35 0.02 -17.48
N ARG A 124 -5.80 1.24 -17.43
CA ARG A 124 -4.53 1.55 -18.07
C ARG A 124 -3.72 2.42 -17.13
N PRO A 125 -2.49 2.03 -16.76
CA PRO A 125 -1.77 2.77 -15.72
C PRO A 125 -1.21 4.06 -16.28
N TYR A 126 -1.00 5.04 -15.39
CA TYR A 126 -0.35 6.25 -15.84
C TYR A 126 1.08 5.92 -16.26
N GLY A 127 1.48 6.42 -17.44
CA GLY A 127 2.83 6.15 -17.91
C GLY A 127 2.96 4.82 -18.61
N GLY A 128 2.72 3.73 -17.89
CA GLY A 128 2.90 2.40 -18.45
C GLY A 128 1.82 2.05 -19.45
N MET B 4 -6.27 -13.65 -11.93
CA MET B 4 -7.28 -12.80 -11.30
C MET B 4 -7.41 -11.43 -11.99
N ALA B 5 -6.31 -10.98 -12.61
CA ALA B 5 -6.25 -9.70 -13.33
C ALA B 5 -6.61 -8.52 -12.43
N VAL B 6 -6.08 -8.52 -11.21
CA VAL B 6 -6.25 -7.43 -10.26
C VAL B 6 -4.89 -7.18 -9.60
N GLU B 7 -4.36 -5.97 -9.74
CA GLU B 7 -3.09 -5.60 -9.12
C GLU B 7 -3.26 -4.33 -8.31
N LEU B 8 -2.50 -4.21 -7.23
CA LEU B 8 -2.36 -2.92 -6.57
C LEU B 8 -1.44 -2.04 -7.40
N ASN B 9 -1.95 -0.89 -7.82
CA ASN B 9 -1.22 0.01 -8.69
C ASN B 9 -0.59 1.19 -7.96
N HIS B 10 -1.32 1.81 -7.01
CA HIS B 10 -0.69 2.86 -6.23
C HIS B 10 -1.43 3.09 -4.91
N THR B 11 -0.76 3.80 -4.01
CA THR B 11 -1.30 4.21 -2.72
C THR B 11 -0.60 5.50 -2.30
N ILE B 12 -1.27 6.27 -1.46
CA ILE B 12 -0.75 7.55 -1.02
C ILE B 12 0.00 7.36 0.30
N VAL B 13 1.19 7.95 0.39
CA VAL B 13 1.96 7.94 1.64
C VAL B 13 1.95 9.37 2.17
N HIS B 14 1.28 9.59 3.31
CA HIS B 14 1.18 10.92 3.88
C HIS B 14 2.47 11.36 4.57
N ALA B 15 2.82 12.63 4.38
CA ALA B 15 4.07 13.17 4.92
C ALA B 15 3.86 14.63 5.29
N THR B 16 4.70 15.13 6.21
CA THR B 16 4.81 16.58 6.36
C THR B 16 5.63 17.19 5.22
N ASP B 17 6.88 16.71 5.05
CA ASP B 17 7.80 17.14 4.00
C ASP B 17 7.79 16.08 2.92
N ARG B 18 7.02 16.31 1.87
CA ARG B 18 6.81 15.31 0.83
C ARG B 18 8.13 14.88 0.19
N ASP B 19 8.95 15.86 -0.21
CA ASP B 19 10.18 15.55 -0.93
C ASP B 19 11.20 14.82 -0.03
N ALA B 20 11.35 15.24 1.22
CA ALA B 20 12.33 14.57 2.10
C ALA B 20 11.92 13.13 2.38
N SER B 21 10.62 12.88 2.59
CA SER B 21 10.14 11.53 2.84
C SER B 21 10.30 10.65 1.62
N ALA B 22 10.01 11.19 0.42
CA ALA B 22 10.18 10.41 -0.79
C ALA B 22 11.65 10.06 -1.02
N ARG B 23 12.54 11.06 -0.91
CA ARG B 23 13.96 10.80 -1.09
C ARG B 23 14.47 9.80 -0.05
N PHE B 24 13.96 9.88 1.18
CA PHE B 24 14.40 8.98 2.24
C PHE B 24 14.10 7.53 1.90
N LEU B 25 12.87 7.24 1.47
CA LEU B 25 12.50 5.87 1.17
C LEU B 25 13.26 5.35 -0.04
N ALA B 26 13.30 6.12 -1.14
CA ALA B 26 13.98 5.65 -2.35
C ALA B 26 15.47 5.43 -2.10
N ASP B 27 16.12 6.37 -1.42
CA ASP B 27 17.54 6.26 -1.15
C ASP B 27 17.86 5.02 -0.32
N ILE B 28 17.18 4.87 0.82
CA ILE B 28 17.43 3.72 1.69
C ILE B 28 17.15 2.41 0.95
N LEU B 29 15.99 2.32 0.28
CA LEU B 29 15.66 1.11 -0.44
C LEU B 29 16.50 0.90 -1.69
N GLY B 30 17.25 1.91 -2.14
CA GLY B 30 18.05 1.77 -3.34
C GLY B 30 17.28 1.90 -4.63
N LEU B 31 16.18 2.64 -4.62
CA LEU B 31 15.33 2.78 -5.80
C LEU B 31 15.74 4.00 -6.63
N ALA B 32 15.09 4.13 -7.79
CA ALA B 32 15.33 5.30 -8.63
C ALA B 32 14.80 6.55 -7.96
N ALA B 33 15.36 7.70 -8.36
CA ALA B 33 14.93 8.96 -7.77
C ALA B 33 13.43 9.17 -8.02
N PRO B 34 12.71 9.75 -7.06
CA PRO B 34 11.27 9.91 -7.24
C PRO B 34 10.96 10.92 -8.36
N LYS B 35 9.72 10.86 -8.86
CA LYS B 35 9.25 11.71 -9.96
C LYS B 35 8.05 12.54 -9.51
N PRO B 36 7.98 13.81 -9.89
CA PRO B 36 6.77 14.58 -9.56
C PRO B 36 5.60 14.15 -10.42
N PHE B 37 4.42 14.07 -9.79
CA PHE B 37 3.19 13.73 -10.48
C PHE B 37 2.07 14.49 -9.78
N GLY B 38 1.53 15.51 -10.45
CA GLY B 38 0.60 16.42 -9.81
C GLY B 38 1.18 16.96 -8.51
N PRO B 39 0.42 16.90 -7.42
CA PRO B 39 0.95 17.31 -6.11
C PRO B 39 1.80 16.25 -5.40
N PHE B 40 2.12 15.12 -6.01
CA PHE B 40 2.79 14.02 -5.33
C PHE B 40 4.23 13.87 -5.78
N MET B 41 5.03 13.18 -4.97
CA MET B 41 6.35 12.74 -5.35
C MET B 41 6.36 11.22 -5.31
N VAL B 42 6.51 10.58 -6.46
CA VAL B 42 6.19 9.17 -6.62
C VAL B 42 7.45 8.32 -6.57
N VAL B 43 7.41 7.30 -5.72
CA VAL B 43 8.46 6.29 -5.56
C VAL B 43 7.94 4.98 -6.15
N GLN B 44 8.68 4.41 -7.09
CA GLN B 44 8.28 3.18 -7.79
C GLN B 44 9.07 1.98 -7.27
N VAL B 45 8.38 0.87 -7.01
CA VAL B 45 9.05 -0.39 -6.66
C VAL B 45 8.87 -1.36 -7.81
N ASP B 46 9.50 -2.54 -7.71
CA ASP B 46 9.68 -3.36 -8.92
C ASP B 46 8.44 -4.16 -9.31
N ASN B 47 7.50 -4.42 -8.39
CA ASN B 47 6.30 -5.19 -8.74
C ASN B 47 5.13 -4.31 -9.14
N ASP B 48 5.41 -3.23 -9.90
CA ASP B 48 4.37 -2.40 -10.53
C ASP B 48 3.44 -1.73 -9.53
N VAL B 49 3.98 -1.27 -8.41
CA VAL B 49 3.20 -0.41 -7.52
C VAL B 49 4.01 0.85 -7.29
N SER B 50 3.31 1.98 -7.22
CA SER B 50 3.97 3.24 -6.94
C SER B 50 3.41 3.82 -5.66
N LEU B 51 4.30 4.49 -4.92
CA LEU B 51 3.95 5.10 -3.64
C LEU B 51 3.94 6.62 -3.84
N ASP B 52 2.76 7.23 -3.74
CA ASP B 52 2.57 8.67 -3.97
C ASP B 52 2.69 9.41 -2.64
N PHE B 53 3.79 10.10 -2.44
CA PHE B 53 3.97 10.89 -1.23
C PHE B 53 3.28 12.24 -1.38
N MET B 54 2.50 12.64 -0.37
CA MET B 54 1.88 13.95 -0.41
C MET B 54 2.22 14.72 0.85
N GLY B 55 2.51 16.01 0.67
CA GLY B 55 2.84 16.92 1.75
C GLY B 55 1.64 17.53 2.44
N GLY B 56 1.91 18.16 3.59
CA GLY B 56 0.89 18.91 4.29
C GLY B 56 0.02 18.14 5.25
N SER B 57 0.30 16.87 5.48
CA SER B 57 -0.44 16.11 6.46
C SER B 57 0.14 16.42 7.84
N GLY B 58 -0.66 17.03 8.72
CA GLY B 58 -0.22 17.52 10.01
C GLY B 58 0.52 16.48 10.80
N PRO B 59 0.04 16.13 11.99
CA PRO B 59 0.55 14.90 12.60
C PRO B 59 0.11 13.78 11.67
N VAL B 60 1.09 13.09 11.10
CA VAL B 60 0.79 11.96 10.23
C VAL B 60 0.35 10.77 11.06
N ARG B 61 -0.68 10.07 10.61
CA ARG B 61 -1.06 8.83 11.27
C ARG B 61 -0.16 7.72 10.72
N PRO B 62 0.63 7.05 11.56
CA PRO B 62 1.61 6.09 11.04
C PRO B 62 0.93 4.92 10.34
N GLN B 63 1.46 4.59 9.17
CA GLN B 63 1.09 3.38 8.45
C GLN B 63 2.28 2.44 8.41
N HIS B 64 2.07 1.28 7.79
CA HIS B 64 3.09 0.25 7.73
C HIS B 64 3.30 -0.19 6.29
N TYR B 65 4.55 -0.16 5.85
CA TYR B 65 4.93 -0.54 4.48
C TYR B 65 6.09 -1.52 4.58
N ALA B 66 5.88 -2.76 4.13
CA ALA B 66 6.90 -3.79 4.21
C ALA B 66 7.27 -4.22 2.80
N PHE B 67 8.57 -4.44 2.60
CA PHE B 67 9.14 -4.67 1.29
C PHE B 67 9.90 -6.00 1.26
N LEU B 68 9.59 -6.82 0.27
CA LEU B 68 10.35 -8.04 0.04
C LEU B 68 11.54 -7.71 -0.86
N VAL B 69 12.76 -7.97 -0.38
CA VAL B 69 13.98 -7.68 -1.11
C VAL B 69 14.83 -8.94 -1.25
N GLY B 70 15.71 -8.93 -2.26
CA GLY B 70 16.68 -10.00 -2.42
C GLY B 70 17.68 -10.04 -1.26
N ASP B 71 18.38 -11.18 -1.16
CA ASP B 71 19.34 -11.37 -0.07
C ASP B 71 20.46 -10.34 -0.10
N SER B 72 21.00 -10.06 -1.28
CA SER B 72 22.05 -9.04 -1.36
C SER B 72 21.48 -7.66 -1.07
N GLU B 73 20.29 -7.35 -1.58
CA GLU B 73 19.68 -6.05 -1.32
C GLU B 73 19.42 -5.84 0.17
N PHE B 74 19.03 -6.90 0.89
CA PHE B 74 18.87 -6.79 2.34
C PHE B 74 20.14 -6.22 2.96
N ASP B 75 21.29 -6.81 2.63
CA ASP B 75 22.56 -6.37 3.21
C ASP B 75 22.84 -4.91 2.88
N GLU B 76 22.59 -4.51 1.63
CA GLU B 76 22.83 -3.14 1.21
C GLU B 76 21.87 -2.17 1.89
N ILE B 77 20.58 -2.51 1.97
CA ILE B 77 19.61 -1.62 2.59
C ILE B 77 19.86 -1.52 4.09
N PHE B 78 20.14 -2.65 4.75
CA PHE B 78 20.48 -2.65 6.17
C PHE B 78 21.76 -1.85 6.41
N GLY B 79 22.73 -1.96 5.50
CA GLY B 79 23.93 -1.15 5.62
C GLY B 79 23.65 0.34 5.56
N ARG B 80 22.67 0.76 4.74
CA ARG B 80 22.38 2.19 4.69
C ARG B 80 21.65 2.65 5.94
N ILE B 81 20.80 1.80 6.50
CA ILE B 81 20.12 2.11 7.75
C ILE B 81 21.14 2.33 8.86
N ARG B 82 22.09 1.41 8.98
CA ARG B 82 23.15 1.53 9.98
C ARG B 82 24.01 2.75 9.72
N GLU B 83 24.28 3.05 8.45
CA GLU B 83 25.18 4.14 8.12
C GLU B 83 24.57 5.49 8.49
N ARG B 84 23.24 5.62 8.39
CA ARG B 84 22.56 6.85 8.78
C ARG B 84 22.36 6.94 10.28
N GLY B 85 22.69 5.90 11.02
CA GLY B 85 22.50 5.91 12.47
C GLY B 85 21.06 5.78 12.91
N LEU B 86 20.22 5.10 12.13
CA LEU B 86 18.80 5.01 12.43
C LEU B 86 18.53 3.88 13.43
N ASP B 87 17.73 4.18 14.44
CA ASP B 87 17.20 3.13 15.31
C ASP B 87 16.48 2.08 14.47
N HIS B 88 16.61 0.82 14.87
CA HIS B 88 15.97 -0.27 14.14
C HIS B 88 15.70 -1.41 15.12
N TRP B 89 14.80 -2.30 14.73
CA TRP B 89 14.29 -3.33 15.61
C TRP B 89 13.95 -4.58 14.81
N ALA B 90 13.90 -5.71 15.52
CA ALA B 90 13.52 -6.97 14.91
C ALA B 90 12.01 -7.16 14.83
N ASP B 91 11.23 -6.39 15.58
CA ASP B 91 9.82 -6.65 15.81
C ASP B 91 8.99 -5.38 15.61
N PRO B 92 7.72 -5.53 15.19
CA PRO B 92 6.86 -4.35 15.00
C PRO B 92 6.58 -3.59 16.28
N GLY B 93 6.68 -4.23 17.43
CA GLY B 93 6.50 -3.56 18.70
C GLY B 93 7.71 -2.78 19.16
N HIS B 94 8.80 -2.84 18.39
CA HIS B 94 10.01 -2.09 18.70
C HIS B 94 10.51 -2.39 20.12
N ARG B 95 10.38 -3.66 20.52
CA ARG B 95 10.85 -4.13 21.82
C ARG B 95 12.26 -4.70 21.77
N ARG B 96 12.77 -5.04 20.58
CA ARG B 96 14.08 -5.68 20.42
C ARG B 96 14.95 -4.82 19.54
N PRO B 97 15.56 -3.77 20.09
CA PRO B 97 16.37 -2.86 19.27
C PRO B 97 17.69 -3.47 18.83
N GLY B 98 18.17 -3.02 17.68
CA GLY B 98 19.47 -3.39 17.18
C GLY B 98 19.67 -4.87 16.91
N GLU B 99 18.61 -5.58 16.53
CA GLU B 99 18.73 -6.96 16.07
C GLU B 99 17.70 -7.18 14.97
N ILE B 100 17.91 -8.22 14.17
CA ILE B 100 17.00 -8.57 13.10
C ILE B 100 16.18 -9.80 13.48
N ASN B 101 15.05 -9.99 12.80
CA ASN B 101 14.34 -11.25 12.95
C ASN B 101 14.77 -12.25 11.88
N THR B 102 14.37 -13.50 12.08
CA THR B 102 14.57 -14.56 11.13
C THR B 102 13.24 -15.22 10.77
N ASN B 103 12.20 -14.40 10.62
CA ASN B 103 10.87 -14.92 10.30
C ASN B 103 10.92 -15.78 9.06
N ASP B 104 10.16 -16.89 9.08
CA ASP B 104 9.96 -17.72 7.89
C ASP B 104 11.29 -18.23 7.33
N GLY B 105 12.29 -18.38 8.19
CA GLY B 105 13.60 -18.80 7.73
C GLY B 105 14.39 -17.75 7.00
N GLY B 106 13.93 -16.51 6.97
CA GLY B 106 14.62 -15.46 6.25
C GLY B 106 15.27 -14.48 7.21
N ARG B 107 15.39 -13.23 6.77
CA ARG B 107 15.90 -12.16 7.60
C ARG B 107 15.00 -10.96 7.42
N GLY B 108 14.82 -10.19 8.49
CA GLY B 108 13.97 -9.01 8.42
C GLY B 108 14.35 -7.99 9.47
N VAL B 109 14.08 -6.71 9.16
CA VAL B 109 14.35 -5.64 10.11
C VAL B 109 13.32 -4.52 9.94
N TYR B 110 13.04 -3.82 11.03
CA TYR B 110 12.11 -2.70 11.06
C TYR B 110 12.84 -1.39 11.33
N TRP B 111 12.31 -0.31 10.76
CA TRP B 111 12.73 1.04 11.10
C TRP B 111 11.59 2.01 10.81
N SER B 112 11.85 3.30 11.03
CA SER B 112 10.81 4.33 10.96
C SER B 112 11.20 5.41 9.95
N ASP B 113 10.21 5.93 9.22
CA ASP B 113 10.47 7.01 8.27
C ASP B 113 10.38 8.36 8.98
N PRO B 114 10.70 9.47 8.29
CA PRO B 114 10.76 10.77 8.99
C PRO B 114 9.51 11.17 9.75
N ASP B 115 8.34 10.67 9.36
CA ASP B 115 7.09 10.98 10.02
C ASP B 115 6.59 9.88 10.93
N GLY B 116 7.37 8.81 11.12
CA GLY B 116 7.00 7.71 11.98
C GLY B 116 6.32 6.53 11.31
N HIS B 117 6.27 6.49 9.97
CA HIS B 117 5.77 5.29 9.31
C HIS B 117 6.65 4.09 9.66
N SER B 118 6.01 2.95 9.89
CA SER B 118 6.70 1.70 10.21
C SER B 118 7.21 1.06 8.91
N LEU B 119 8.51 1.08 8.70
CA LEU B 119 9.11 0.49 7.51
C LEU B 119 9.75 -0.84 7.86
N GLU B 120 9.74 -1.77 6.89
CA GLU B 120 10.22 -3.12 7.12
C GLU B 120 10.72 -3.76 5.83
N ILE B 121 11.82 -4.50 5.92
CA ILE B 121 12.27 -5.36 4.83
C ILE B 121 12.32 -6.81 5.32
N LEU B 122 12.09 -7.74 4.40
CA LEU B 122 12.11 -9.17 4.69
C LEU B 122 12.64 -9.88 3.46
N THR B 123 13.25 -11.05 3.68
CA THR B 123 13.82 -11.78 2.55
C THR B 123 13.03 -13.03 2.14
N ARG B 124 12.18 -13.57 3.00
CA ARG B 124 11.39 -14.75 2.66
C ARG B 124 9.95 -14.52 3.12
N PRO B 125 8.98 -14.54 2.22
CA PRO B 125 7.59 -14.29 2.61
C PRO B 125 6.92 -15.55 3.11
N TYR B 126 5.90 -15.36 3.94
CA TYR B 126 5.06 -16.49 4.32
C TYR B 126 4.26 -16.98 3.12
N GLY B 127 4.24 -18.30 2.92
CA GLY B 127 3.44 -18.89 1.86
C GLY B 127 4.08 -18.96 0.48
N GLY B 128 4.31 -17.80 -0.14
CA GLY B 128 4.83 -17.74 -1.50
C GLY B 128 6.29 -18.12 -1.62
FE FE2 C . -5.46 7.02 -7.26
FE FE2 D . 4.95 -6.47 8.39
#